data_7GTE
#
_entry.id   7GTE
#
_cell.length_a   90.413
_cell.length_b   90.413
_cell.length_c   107.001
_cell.angle_alpha   90.000
_cell.angle_beta   90.000
_cell.angle_gamma   120.000
#
_symmetry.space_group_name_H-M   'P 31 2 1'
#
loop_
_entity.id
_entity.type
_entity.pdbx_description
1 polymer 'Tyrosine-protein phosphatase non-receptor type 1'
2 non-polymer 2-AMINO-2-HYDROXYMETHYL-PROPANE-1,3-DIOL
3 non-polymer (5S)-5-(trifluoromethyl)-1,4-diazepane
4 water water
#
_entity_poly.entity_id   1
_entity_poly.type   'polypeptide(L)'
_entity_poly.pdbx_seq_one_letter_code
;MEMEKEFEQIDKSGSWAAIYQDIRHEASDFPSRVAKLPKNKNRNRYRDVSPFDHSRIKLHQEDNDYINASLIKMEEAQRS
YILTQGPLPNTVGHFWEMVWEQKSRGVVMLNRVMEKGSLKCAQYWPQKEEKEMIFEDTNLKLTLISEDIKSYYTVRQLEL
ENLTTQETREILHFHYTTWPDFGVPESPASFLNFLFKVRESGSLSPEHGPVVVHCSAGIGRSGTFCLADTCLLLMDKRKD
PSSVDIKKVLLEMRKFRMGLIQTADQLRFSYLAVIEGAKFIMGDSSVQDQWKELSHEDLEPPPEHIPPPPRPPKRILEPH
N
;
_entity_poly.pdbx_strand_id   A
#
loop_
_chem_comp.id
_chem_comp.type
_chem_comp.name
_chem_comp.formula
A1ABO non-polymer (5S)-5-(trifluoromethyl)-1,4-diazepane 'C6 H11 F3 N2'
TRS non-polymer 2-AMINO-2-HYDROXYMETHYL-PROPANE-1,3-DIOL 'C4 H12 N O3 1'
#
# COMPACT_ATOMS: atom_id res chain seq x y z
N MET A 1 -26.20 7.28 3.74
CA MET A 1 -26.88 6.66 2.57
C MET A 1 -26.16 5.36 2.20
N GLU A 2 -26.84 4.22 2.30
CA GLU A 2 -26.31 2.90 1.85
C GLU A 2 -25.46 3.15 0.59
N MET A 3 -24.21 2.67 0.57
CA MET A 3 -23.23 2.99 -0.49
C MET A 3 -23.62 2.29 -1.81
N GLU A 4 -24.19 1.08 -1.73
CA GLU A 4 -24.73 0.28 -2.86
C GLU A 4 -25.77 1.09 -3.66
N LYS A 5 -26.58 1.90 -2.97
CA LYS A 5 -27.65 2.73 -3.61
C LYS A 5 -26.98 3.95 -4.22
N GLU A 6 -26.11 4.61 -3.45
CA GLU A 6 -25.25 5.73 -3.94
C GLU A 6 -24.52 5.27 -5.21
N PHE A 7 -24.12 3.99 -5.27
CA PHE A 7 -23.30 3.38 -6.37
C PHE A 7 -24.11 3.36 -7.67
N GLU A 8 -25.29 2.75 -7.59
CA GLU A 8 -26.25 2.62 -8.72
C GLU A 8 -26.66 4.01 -9.21
N GLN A 9 -26.83 4.97 -8.29
CA GLN A 9 -27.23 6.36 -8.58
C GLN A 9 -26.12 7.07 -9.37
N ILE A 10 -24.84 6.90 -8.99
CA ILE A 10 -23.69 7.50 -9.72
C ILE A 10 -23.54 6.80 -11.07
N ASP A 11 -23.68 5.47 -11.11
CA ASP A 11 -23.55 4.65 -12.35
C ASP A 11 -24.64 5.07 -13.34
N LYS A 12 -25.89 5.16 -12.90
CA LYS A 12 -27.02 5.50 -13.83
C LYS A 12 -26.79 6.92 -14.36
N SER A 13 -26.37 7.84 -13.50
CA SER A 13 -26.15 9.28 -13.86
C SER A 13 -24.80 9.45 -14.58
N GLY A 14 -23.93 8.43 -14.56
CA GLY A 14 -22.53 8.49 -15.06
C GLY A 14 -21.77 9.71 -14.53
N SER A 15 -21.74 9.94 -13.21
CA SER A 15 -21.06 11.12 -12.61
C SER A 15 -19.74 10.73 -11.89
N TRP A 16 -19.11 9.60 -12.22
CA TRP A 16 -17.90 9.15 -11.48
C TRP A 16 -16.83 10.24 -11.53
N ALA A 17 -16.62 10.87 -12.68
CA ALA A 17 -15.60 11.93 -12.88
C ALA A 17 -15.89 13.13 -11.96
N ALA A 18 -17.17 13.51 -11.83
CA ALA A 18 -17.61 14.67 -11.02
C ALA A 18 -17.42 14.39 -9.52
N ILE A 19 -17.80 13.21 -9.03
CA ILE A 19 -17.52 12.81 -7.62
C ILE A 19 -16.01 12.85 -7.37
N TYR A 20 -15.21 12.24 -8.27
CA TYR A 20 -13.74 12.12 -8.09
C TYR A 20 -13.12 13.53 -7.99
N GLN A 21 -13.53 14.46 -8.85
CA GLN A 21 -12.93 15.84 -8.86
C GLN A 21 -13.29 16.57 -7.57
N ASP A 22 -14.49 16.37 -7.01
CA ASP A 22 -14.89 16.97 -5.70
C ASP A 22 -13.94 16.50 -4.58
N ILE A 23 -13.60 15.21 -4.58
CA ILE A 23 -12.56 14.67 -3.65
C ILE A 23 -11.24 15.41 -3.85
N ARG A 24 -10.76 15.50 -5.10
CA ARG A 24 -9.48 16.19 -5.41
C ARG A 24 -9.52 17.64 -4.91
N HIS A 25 -10.65 18.33 -5.09
CA HIS A 25 -10.83 19.74 -4.66
C HIS A 25 -10.78 19.88 -3.12
N GLU A 26 -11.32 18.92 -2.37
CA GLU A 26 -11.44 19.04 -0.88
C GLU A 26 -10.22 18.48 -0.15
N ALA A 27 -9.32 17.80 -0.86
CA ALA A 27 -8.21 17.04 -0.23
C ALA A 27 -7.26 18.01 0.48
N SER A 28 -6.69 17.58 1.58
CA SER A 28 -5.67 18.29 2.39
C SER A 28 -4.47 18.67 1.54
N ASP A 29 -3.83 19.77 1.91
CA ASP A 29 -2.56 20.26 1.31
C ASP A 29 -1.63 20.63 2.45
N PHE A 30 -0.55 19.87 2.62
CA PHE A 30 0.43 20.07 3.70
C PHE A 30 1.78 20.19 3.02
N PRO A 31 2.77 20.80 3.68
CA PRO A 31 4.11 20.90 3.11
C PRO A 31 4.85 19.55 3.05
N SER A 32 5.66 19.43 1.99
CA SER A 32 6.60 18.33 1.63
C SER A 32 7.99 18.92 1.41
N ARG A 33 8.47 19.75 2.33
CA ARG A 33 9.78 20.43 2.14
C ARG A 33 10.95 19.43 2.13
N VAL A 34 10.96 18.42 3.00
CA VAL A 34 12.11 17.46 3.00
C VAL A 34 12.22 16.75 1.64
N ALA A 35 11.11 16.30 1.06
CA ALA A 35 11.06 15.55 -0.23
C ALA A 35 11.67 16.41 -1.35
N LYS A 36 11.54 17.74 -1.29
CA LYS A 36 11.96 18.64 -2.40
C LYS A 36 13.39 19.16 -2.20
N LEU A 37 14.09 18.83 -1.12
CA LEU A 37 15.54 19.20 -1.01
C LEU A 37 16.32 18.57 -2.18
N PRO A 38 17.31 19.31 -2.73
CA PRO A 38 18.10 18.81 -3.85
C PRO A 38 18.88 17.52 -3.56
N LYS A 39 19.38 17.33 -2.34
CA LYS A 39 20.11 16.09 -1.96
C LYS A 39 19.16 14.87 -2.07
N ASN A 40 17.84 15.04 -2.24
CA ASN A 40 16.88 13.91 -2.25
C ASN A 40 16.27 13.66 -3.63
N LYS A 41 16.74 14.32 -4.69
CA LYS A 41 16.09 14.21 -6.01
C LYS A 41 16.11 12.74 -6.52
N ASN A 42 17.22 12.02 -6.35
CA ASN A 42 17.33 10.61 -6.80
C ASN A 42 16.68 9.64 -5.80
N ARG A 43 15.99 10.11 -4.74
CA ARG A 43 15.23 9.26 -3.77
C ARG A 43 13.74 9.23 -4.12
N ASN A 44 13.35 9.93 -5.17
CA ASN A 44 11.94 10.13 -5.61
C ASN A 44 11.77 9.63 -7.03
N ARG A 45 10.81 8.73 -7.21
CA ARG A 45 10.49 8.16 -8.54
C ARG A 45 9.77 9.22 -9.37
N TYR A 46 8.81 9.94 -8.78
CA TYR A 46 7.96 10.94 -9.50
C TYR A 46 8.04 12.27 -8.75
N ARG A 47 8.25 13.32 -9.53
CA ARG A 47 8.38 14.74 -9.06
C ARG A 47 7.06 15.21 -8.43
N ASP A 48 5.91 14.70 -8.88
CA ASP A 48 4.59 15.16 -8.37
C ASP A 48 4.06 14.26 -7.21
N VAL A 49 4.84 13.31 -6.69
CA VAL A 49 4.38 12.40 -5.58
C VAL A 49 5.41 12.44 -4.45
N SER A 50 5.08 13.13 -3.38
CA SER A 50 5.94 13.34 -2.20
C SER A 50 5.14 13.04 -0.94
N PRO A 51 5.85 12.57 0.10
CA PRO A 51 5.26 12.42 1.43
C PRO A 51 5.20 13.80 2.11
N PHE A 52 4.11 14.08 2.82
CA PHE A 52 4.00 15.27 3.70
C PHE A 52 5.06 15.18 4.79
N ASP A 53 5.60 16.33 5.20
CA ASP A 53 6.58 16.32 6.31
C ASP A 53 5.96 15.76 7.60
N HIS A 54 4.70 16.05 7.91
CA HIS A 54 4.15 15.72 9.25
C HIS A 54 4.02 14.18 9.40
N SER A 55 3.88 13.43 8.30
CA SER A 55 3.52 11.97 8.34
C SER A 55 4.63 11.09 7.71
N ARG A 56 5.78 11.66 7.33
CA ARG A 56 6.79 10.89 6.54
C ARG A 56 7.46 9.89 7.49
N ILE A 57 7.89 8.73 6.96
CA ILE A 57 8.75 7.79 7.74
C ILE A 57 10.17 8.30 7.71
N LYS A 58 10.80 8.37 8.88
CA LYS A 58 12.24 8.69 9.01
C LYS A 58 13.09 7.42 9.18
N LEU A 59 14.13 7.33 8.36
CA LEU A 59 15.23 6.33 8.54
C LEU A 59 16.06 6.70 9.77
N HIS A 60 16.54 5.70 10.52
CA HIS A 60 17.29 5.89 11.79
C HIS A 60 18.76 6.01 11.44
N GLN A 61 19.15 7.10 10.79
CA GLN A 61 20.58 7.44 10.56
C GLN A 61 20.74 8.96 10.44
N GLU A 62 21.91 9.45 10.84
CA GLU A 62 22.22 10.90 10.99
C GLU A 62 22.50 11.51 9.61
N ASP A 63 23.14 10.73 8.73
CA ASP A 63 23.47 11.09 7.33
C ASP A 63 22.25 11.78 6.67
N ASN A 64 21.30 10.98 6.18
CA ASN A 64 20.10 11.45 5.45
C ASN A 64 18.94 10.54 5.84
N ASP A 65 17.87 11.07 6.45
CA ASP A 65 16.81 10.22 7.08
C ASP A 65 15.64 10.03 6.11
N TYR A 66 15.81 10.41 4.85
CA TYR A 66 14.69 10.59 3.90
C TYR A 66 14.40 9.29 3.11
N ILE A 67 13.11 8.91 3.11
CA ILE A 67 12.52 7.92 2.17
C ILE A 67 11.15 8.43 1.73
N ASN A 68 10.76 8.11 0.50
CA ASN A 68 9.41 8.43 -0.03
C ASN A 68 8.41 7.39 0.53
N ALA A 69 7.96 7.60 1.77
CA ALA A 69 7.07 6.72 2.55
C ALA A 69 6.29 7.54 3.59
N SER A 70 5.01 7.20 3.79
CA SER A 70 4.12 7.89 4.77
C SER A 70 3.44 6.87 5.70
N LEU A 71 3.27 7.26 6.96
CA LEU A 71 2.42 6.52 7.94
C LEU A 71 0.97 6.97 7.90
N ILE A 72 0.07 6.13 7.41
CA ILE A 72 -1.41 6.35 7.41
C ILE A 72 -1.94 5.73 8.73
N LYS A 73 -2.39 6.56 9.71
CA LYS A 73 -2.87 6.04 11.02
C LYS A 73 -4.37 6.26 11.13
N MET A 74 -5.16 5.18 11.06
CA MET A 74 -6.63 5.24 11.16
C MET A 74 -7.01 5.03 12.63
N GLU A 75 -7.56 6.07 13.26
CA GLU A 75 -7.81 6.08 14.72
C GLU A 75 -8.99 5.20 15.10
N GLU A 76 -10.15 5.39 14.46
CA GLU A 76 -11.40 4.65 14.82
C GLU A 76 -11.29 3.18 14.37
N ALA A 77 -10.64 2.91 13.23
CA ALA A 77 -10.46 1.53 12.73
C ALA A 77 -9.37 0.82 13.53
N GLN A 78 -8.45 1.55 14.18
CA GLN A 78 -7.29 0.95 14.90
C GLN A 78 -6.43 0.15 13.91
N ARG A 79 -6.08 0.73 12.77
CA ARG A 79 -5.14 0.13 11.78
C ARG A 79 -4.14 1.21 11.37
N SER A 80 -2.89 0.83 11.18
CA SER A 80 -1.79 1.66 10.61
C SER A 80 -1.25 0.98 9.34
N TYR A 81 -0.92 1.77 8.33
CA TYR A 81 -0.27 1.30 7.07
C TYR A 81 0.89 2.24 6.77
N ILE A 82 2.00 1.69 6.26
CA ILE A 82 3.00 2.50 5.57
C ILE A 82 2.79 2.37 4.07
N LEU A 83 2.57 3.49 3.39
CA LEU A 83 2.46 3.54 1.90
C LEU A 83 3.73 4.15 1.32
N THR A 84 4.38 3.46 0.35
CA THR A 84 5.70 3.89 -0.20
C THR A 84 5.68 3.66 -1.72
N GLN A 85 6.62 4.28 -2.41
CA GLN A 85 6.82 4.04 -3.86
C GLN A 85 7.51 2.66 -4.05
N GLY A 86 7.43 2.11 -5.26
CA GLY A 86 8.30 0.98 -5.67
C GLY A 86 9.75 1.41 -5.52
N PRO A 87 10.62 0.65 -4.82
CA PRO A 87 11.99 1.10 -4.65
C PRO A 87 12.72 1.30 -5.98
N LEU A 88 13.65 2.24 -5.93
CA LEU A 88 14.58 2.60 -7.01
C LEU A 88 15.90 1.86 -6.82
N PRO A 89 16.72 1.76 -7.88
CA PRO A 89 18.05 1.19 -7.77
C PRO A 89 18.85 1.76 -6.60
N ASN A 90 18.78 3.07 -6.33
CA ASN A 90 19.59 3.58 -5.17
C ASN A 90 18.77 3.61 -3.84
N THR A 91 17.53 3.15 -3.79
CA THR A 91 16.75 3.12 -2.50
C THR A 91 16.39 1.70 -2.05
N VAL A 92 16.85 0.65 -2.73
CA VAL A 92 16.56 -0.74 -2.27
C VAL A 92 17.05 -0.93 -0.82
N GLY A 93 18.23 -0.44 -0.45
CA GLY A 93 18.76 -0.65 0.91
C GLY A 93 17.97 0.13 1.96
N HIS A 94 17.55 1.36 1.62
CA HIS A 94 16.66 2.23 2.45
C HIS A 94 15.35 1.51 2.72
N PHE A 95 14.78 0.91 1.67
CA PHE A 95 13.48 0.19 1.80
C PHE A 95 13.57 -0.88 2.91
N TRP A 96 14.62 -1.73 2.87
CA TRP A 96 14.71 -2.88 3.78
C TRP A 96 15.08 -2.36 5.17
N GLU A 97 15.88 -1.29 5.25
CA GLU A 97 16.16 -0.59 6.52
C GLU A 97 14.84 -0.14 7.17
N MET A 98 13.92 0.46 6.40
CA MET A 98 12.62 0.90 6.92
C MET A 98 11.84 -0.32 7.45
N VAL A 99 11.78 -1.41 6.66
CA VAL A 99 11.05 -2.64 7.08
C VAL A 99 11.58 -3.10 8.44
N TRP A 100 12.90 -3.12 8.61
CA TRP A 100 13.58 -3.53 9.85
C TRP A 100 13.21 -2.57 11.00
N GLU A 101 13.44 -1.27 10.79
CA GLU A 101 13.29 -0.24 11.87
C GLU A 101 11.83 -0.16 12.34
N GLN A 102 10.85 -0.29 11.45
CA GLN A 102 9.41 -0.17 11.80
C GLN A 102 8.80 -1.51 12.27
N LYS A 103 9.53 -2.63 12.23
CA LYS A 103 9.12 -3.96 12.76
C LYS A 103 7.97 -4.55 11.98
N SER A 104 7.85 -4.21 10.71
CA SER A 104 6.87 -4.80 9.81
C SER A 104 7.08 -6.32 9.69
N ARG A 105 5.97 -7.03 9.57
CA ARG A 105 5.86 -8.49 9.35
C ARG A 105 5.64 -8.75 7.84
N GLY A 106 4.90 -7.87 7.17
CA GLY A 106 4.45 -8.07 5.76
C GLY A 106 4.87 -6.91 4.87
N VAL A 107 5.12 -7.24 3.60
CA VAL A 107 5.26 -6.31 2.44
C VAL A 107 4.18 -6.71 1.44
N VAL A 108 3.36 -5.75 1.03
CA VAL A 108 2.32 -5.94 -0.01
C VAL A 108 2.75 -5.20 -1.30
N MET A 109 2.88 -5.93 -2.42
CA MET A 109 3.31 -5.42 -3.76
C MET A 109 2.16 -5.60 -4.74
N LEU A 110 1.68 -4.50 -5.37
CA LEU A 110 0.48 -4.52 -6.21
C LEU A 110 0.85 -4.31 -7.70
N ASN A 111 2.15 -4.31 -8.03
CA ASN A 111 2.57 -4.11 -9.44
C ASN A 111 3.53 -5.22 -9.88
N ARG A 112 3.82 -5.31 -11.18
CA ARG A 112 4.91 -6.18 -11.74
C ARG A 112 6.12 -5.27 -11.91
N VAL A 113 7.32 -5.84 -11.88
CA VAL A 113 8.60 -5.13 -12.10
C VAL A 113 8.58 -4.45 -13.48
N MET A 114 8.05 -5.10 -14.50
CA MET A 114 7.88 -4.47 -15.83
C MET A 114 6.38 -4.43 -16.16
N GLU A 115 5.89 -3.24 -16.56
CA GLU A 115 4.51 -3.12 -17.10
C GLU A 115 4.55 -2.13 -18.26
N LYS A 116 3.75 -2.33 -19.30
CA LYS A 116 3.73 -1.42 -20.47
C LYS A 116 5.14 -1.25 -21.08
N GLY A 117 5.96 -2.29 -21.00
CA GLY A 117 7.35 -2.30 -21.56
C GLY A 117 8.35 -1.43 -20.84
N SER A 118 8.09 -0.96 -19.62
CA SER A 118 8.99 -0.05 -18.84
C SER A 118 9.16 -0.59 -17.42
N LEU A 119 10.23 -0.23 -16.76
CA LEU A 119 10.50 -0.70 -15.38
C LEU A 119 9.70 0.15 -14.39
N LYS A 120 8.86 -0.47 -13.58
CA LYS A 120 8.01 0.20 -12.57
C LYS A 120 8.64 0.16 -11.17
N CYS A 121 9.57 -0.78 -10.92
CA CYS A 121 10.33 -0.84 -9.66
C CYS A 121 11.49 -1.81 -9.80
N ALA A 122 12.47 -1.66 -8.93
CA ALA A 122 13.70 -2.46 -8.89
C ALA A 122 13.34 -3.91 -8.51
N GLN A 123 14.18 -4.87 -8.95
CA GLN A 123 14.12 -6.28 -8.50
C GLN A 123 14.72 -6.29 -7.10
N TYR A 124 13.91 -6.10 -6.04
CA TYR A 124 14.41 -5.77 -4.68
C TYR A 124 14.43 -7.00 -3.76
N TRP A 125 14.06 -8.19 -4.27
CA TRP A 125 14.08 -9.44 -3.45
C TRP A 125 14.73 -10.57 -4.28
N PRO A 126 15.34 -11.57 -3.62
CA PRO A 126 16.05 -12.67 -4.32
C PRO A 126 15.08 -13.67 -4.95
N GLN A 127 15.45 -14.19 -6.12
CA GLN A 127 14.58 -15.05 -6.96
C GLN A 127 14.98 -16.53 -6.77
N LYS A 128 16.15 -16.81 -6.21
CA LYS A 128 16.62 -18.20 -5.96
C LYS A 128 17.14 -18.31 -4.56
N GLU A 129 16.86 -19.44 -3.89
CA GLU A 129 17.29 -19.72 -2.49
C GLU A 129 18.79 -19.49 -2.33
N GLU A 130 19.57 -20.06 -3.24
CA GLU A 130 21.05 -20.10 -3.06
C GLU A 130 21.73 -18.80 -3.52
N LYS A 131 21.00 -17.77 -3.97
CA LYS A 131 21.57 -16.45 -4.40
C LYS A 131 20.93 -15.30 -3.56
N GLU A 132 21.39 -15.15 -2.34
CA GLU A 132 20.89 -14.14 -1.39
C GLU A 132 21.36 -12.73 -1.82
N MET A 133 20.79 -11.67 -1.23
CA MET A 133 21.11 -10.25 -1.56
C MET A 133 21.70 -9.62 -0.32
N ILE A 134 22.76 -8.86 -0.50
CA ILE A 134 23.41 -8.06 0.56
C ILE A 134 23.27 -6.58 0.16
N PHE A 135 22.76 -5.75 1.06
CA PHE A 135 22.64 -4.26 0.88
C PHE A 135 23.72 -3.64 1.73
N GLU A 136 24.86 -3.26 1.13
CA GLU A 136 26.07 -2.84 1.89
C GLU A 136 25.84 -1.46 2.52
N ASP A 137 25.12 -0.56 1.84
CA ASP A 137 24.84 0.80 2.38
C ASP A 137 24.12 0.65 3.75
N THR A 138 23.22 -0.33 3.96
CA THR A 138 22.42 -0.45 5.22
C THR A 138 22.75 -1.71 6.04
N ASN A 139 23.72 -2.52 5.62
CA ASN A 139 24.21 -3.68 6.43
C ASN A 139 23.09 -4.69 6.68
N LEU A 140 22.35 -5.09 5.64
CA LEU A 140 21.26 -6.09 5.74
C LEU A 140 21.53 -7.23 4.73
N LYS A 141 21.06 -8.43 5.07
CA LYS A 141 21.06 -9.61 4.16
C LYS A 141 19.64 -10.14 4.05
N LEU A 142 19.25 -10.51 2.83
CA LEU A 142 17.90 -10.99 2.49
C LEU A 142 18.03 -12.32 1.72
N THR A 143 17.37 -13.37 2.20
CA THR A 143 17.37 -14.75 1.61
C THR A 143 15.96 -15.19 1.28
N LEU A 144 15.74 -15.75 0.09
CA LEU A 144 14.48 -16.43 -0.22
C LEU A 144 14.44 -17.78 0.50
N ILE A 145 13.38 -18.02 1.29
CA ILE A 145 13.16 -19.24 2.12
C ILE A 145 12.21 -20.15 1.33
N SER A 146 11.13 -19.62 0.81
CA SER A 146 10.11 -20.42 0.08
C SER A 146 9.22 -19.49 -0.73
N GLU A 147 8.47 -20.07 -1.66
CA GLU A 147 7.70 -19.34 -2.69
C GLU A 147 6.47 -20.21 -2.96
N ASP A 148 5.27 -19.65 -2.88
CA ASP A 148 3.99 -20.33 -3.24
C ASP A 148 3.29 -19.49 -4.32
N ILE A 149 3.30 -19.97 -5.57
CA ILE A 149 2.79 -19.26 -6.77
C ILE A 149 1.38 -19.73 -7.08
N LYS A 150 0.40 -18.82 -7.06
CA LYS A 150 -1.01 -19.11 -7.38
C LYS A 150 -1.38 -18.31 -8.60
N SER A 151 -2.63 -18.42 -9.05
CA SER A 151 -3.09 -17.84 -10.34
C SER A 151 -3.11 -16.31 -10.27
N TYR A 152 -3.42 -15.73 -9.12
CA TYR A 152 -3.66 -14.27 -9.00
C TYR A 152 -2.60 -13.57 -8.12
N TYR A 153 -1.89 -14.34 -7.28
CA TYR A 153 -0.93 -13.82 -6.28
C TYR A 153 0.08 -14.91 -5.84
N THR A 154 1.31 -14.43 -5.55
CA THR A 154 2.43 -15.26 -5.06
C THR A 154 2.71 -14.83 -3.61
N VAL A 155 2.86 -15.76 -2.68
CA VAL A 155 3.40 -15.49 -1.33
C VAL A 155 4.80 -16.03 -1.20
N ARG A 156 5.70 -15.21 -0.75
CA ARG A 156 7.09 -15.61 -0.45
C ARG A 156 7.38 -15.45 1.04
N GLN A 157 8.14 -16.40 1.57
CA GLN A 157 8.80 -16.28 2.89
C GLN A 157 10.25 -15.82 2.68
N LEU A 158 10.63 -14.74 3.35
CA LEU A 158 11.98 -14.14 3.28
C LEU A 158 12.56 -14.11 4.68
N GLU A 159 13.88 -14.15 4.76
CA GLU A 159 14.65 -13.97 6.01
C GLU A 159 15.48 -12.71 5.83
N LEU A 160 15.26 -11.73 6.70
CA LEU A 160 16.01 -10.46 6.76
C LEU A 160 16.92 -10.51 7.98
N GLU A 161 18.21 -10.30 7.76
CA GLU A 161 19.25 -10.37 8.80
C GLU A 161 19.90 -9.02 8.94
N ASN A 162 19.91 -8.52 10.17
CA ASN A 162 20.63 -7.27 10.52
C ASN A 162 22.09 -7.68 10.77
N LEU A 163 22.97 -7.45 9.78
CA LEU A 163 24.37 -7.99 9.79
C LEU A 163 25.15 -7.40 10.97
N THR A 164 24.67 -6.29 11.54
CA THR A 164 25.31 -5.55 12.67
C THR A 164 25.15 -6.33 13.98
N THR A 165 23.95 -6.86 14.23
CA THR A 165 23.55 -7.55 15.48
C THR A 165 23.35 -9.07 15.28
N GLN A 166 23.21 -9.52 14.03
CA GLN A 166 23.04 -10.95 13.68
C GLN A 166 21.64 -11.41 14.08
N GLU A 167 20.74 -10.50 14.47
CA GLU A 167 19.29 -10.83 14.58
C GLU A 167 18.70 -11.11 13.19
N THR A 168 17.74 -12.00 13.11
CA THR A 168 17.00 -12.37 11.89
C THR A 168 15.51 -12.24 12.18
N ARG A 169 14.71 -11.98 11.15
CA ARG A 169 13.24 -12.02 11.22
C ARG A 169 12.71 -12.62 9.93
N GLU A 170 11.55 -13.24 10.02
CA GLU A 170 10.77 -13.72 8.88
C GLU A 170 9.88 -12.57 8.37
N ILE A 171 9.96 -12.21 7.08
CA ILE A 171 9.10 -11.22 6.38
C ILE A 171 8.27 -12.00 5.35
N LEU A 172 6.98 -11.79 5.32
CA LEU A 172 6.08 -12.34 4.27
C LEU A 172 5.91 -11.30 3.15
N HIS A 173 6.14 -11.71 1.91
CA HIS A 173 5.99 -10.90 0.67
C HIS A 173 4.73 -11.33 -0.03
N PHE A 174 3.71 -10.47 -0.04
CA PHE A 174 2.41 -10.73 -0.68
C PHE A 174 2.39 -9.98 -2.01
N HIS A 175 2.45 -10.69 -3.13
CA HIS A 175 2.66 -10.08 -4.46
C HIS A 175 1.43 -10.30 -5.30
N TYR A 176 0.60 -9.27 -5.51
CA TYR A 176 -0.59 -9.39 -6.39
C TYR A 176 -0.11 -9.21 -7.85
N THR A 177 -0.23 -10.21 -8.70
CA THR A 177 0.52 -10.28 -10.00
C THR A 177 -0.40 -10.02 -11.21
N THR A 178 -1.69 -9.82 -11.06
CA THR A 178 -2.65 -9.83 -12.20
C THR A 178 -3.40 -8.52 -12.35
N TRP A 179 -3.02 -7.43 -11.66
CA TRP A 179 -3.68 -6.13 -11.97
C TRP A 179 -3.34 -5.78 -13.42
N PRO A 180 -4.32 -5.42 -14.27
CA PRO A 180 -4.03 -5.18 -15.70
C PRO A 180 -3.18 -3.93 -15.93
N ASP A 181 -2.41 -3.94 -17.04
CA ASP A 181 -1.55 -2.82 -17.48
C ASP A 181 -2.39 -1.54 -17.60
N PHE A 182 -3.62 -1.60 -18.13
CA PHE A 182 -4.54 -0.42 -18.24
C PHE A 182 -5.85 -0.68 -17.45
N GLY A 183 -6.50 0.37 -16.93
CA GLY A 183 -7.78 0.20 -16.22
C GLY A 183 -7.64 -0.52 -14.87
N VAL A 184 -8.74 -1.14 -14.42
CA VAL A 184 -8.90 -1.81 -13.08
C VAL A 184 -9.46 -3.20 -13.35
N PRO A 185 -9.37 -4.17 -12.43
CA PRO A 185 -9.99 -5.47 -12.68
C PRO A 185 -11.51 -5.31 -12.89
N GLU A 186 -12.06 -6.21 -13.70
CA GLU A 186 -13.51 -6.23 -14.02
C GLU A 186 -14.30 -6.66 -12.79
N SER A 187 -13.82 -7.68 -12.07
CA SER A 187 -14.39 -8.18 -10.79
C SER A 187 -13.40 -7.96 -9.64
N PRO A 188 -13.88 -7.59 -8.42
CA PRO A 188 -13.00 -7.39 -7.27
C PRO A 188 -12.75 -8.69 -6.49
N ALA A 189 -13.24 -9.80 -7.02
CA ALA A 189 -13.20 -11.09 -6.32
C ALA A 189 -11.76 -11.47 -5.98
N SER A 190 -10.82 -11.41 -6.92
CA SER A 190 -9.45 -11.95 -6.62
C SER A 190 -8.68 -10.93 -5.74
N PHE A 191 -8.92 -9.64 -5.90
CA PHE A 191 -8.35 -8.58 -5.00
C PHE A 191 -8.80 -8.80 -3.53
N LEU A 192 -10.11 -9.03 -3.31
CA LEU A 192 -10.69 -9.33 -1.96
C LEU A 192 -10.10 -10.62 -1.43
N ASN A 193 -10.04 -11.71 -2.24
CA ASN A 193 -9.33 -12.95 -1.80
C ASN A 193 -7.91 -12.63 -1.30
N PHE A 194 -7.14 -11.82 -2.03
CA PHE A 194 -5.76 -11.43 -1.68
C PHE A 194 -5.77 -10.69 -0.34
N LEU A 195 -6.67 -9.72 -0.18
CA LEU A 195 -6.73 -8.90 1.08
C LEU A 195 -6.94 -9.86 2.29
N PHE A 196 -7.83 -10.84 2.16
CA PHE A 196 -8.15 -11.77 3.27
C PHE A 196 -6.96 -12.70 3.53
N LYS A 197 -6.13 -12.99 2.52
CA LYS A 197 -4.87 -13.78 2.74
C LYS A 197 -3.87 -12.92 3.52
N VAL A 198 -3.76 -11.63 3.20
CA VAL A 198 -2.83 -10.78 3.98
C VAL A 198 -3.33 -10.74 5.46
N ARG A 199 -4.61 -10.50 5.66
CA ARG A 199 -5.19 -10.42 7.04
C ARG A 199 -4.87 -11.70 7.82
N GLU A 200 -5.13 -12.87 7.23
CA GLU A 200 -4.98 -14.20 7.89
C GLU A 200 -3.53 -14.39 8.36
N SER A 201 -2.57 -13.78 7.68
CA SER A 201 -1.13 -13.92 8.00
C SER A 201 -0.75 -13.29 9.34
N GLY A 202 -1.57 -12.37 9.85
CA GLY A 202 -1.16 -11.55 11.00
C GLY A 202 -0.45 -10.25 10.63
N SER A 203 -0.16 -10.01 9.35
CA SER A 203 0.66 -8.85 8.90
C SER A 203 -0.03 -7.49 9.23
N LEU A 204 -1.35 -7.46 9.29
CA LEU A 204 -2.14 -6.20 9.50
C LEU A 204 -2.47 -5.97 10.99
N SER A 205 -1.97 -6.84 11.87
CA SER A 205 -2.41 -6.91 13.29
C SER A 205 -1.51 -6.10 14.21
N PRO A 206 -2.00 -5.64 15.38
CA PRO A 206 -1.25 -4.72 16.25
C PRO A 206 -0.03 -5.31 16.97
N GLU A 207 0.14 -6.62 16.99
CA GLU A 207 1.38 -7.19 17.58
C GLU A 207 2.62 -6.99 16.67
N HIS A 208 2.46 -6.45 15.46
CA HIS A 208 3.57 -6.15 14.53
C HIS A 208 3.56 -4.64 14.24
N GLY A 209 4.66 -4.08 13.79
CA GLY A 209 4.69 -2.81 13.06
C GLY A 209 3.77 -2.80 11.85
N PRO A 210 3.53 -1.58 11.30
CA PRO A 210 2.61 -1.41 10.18
C PRO A 210 3.12 -2.22 8.97
N VAL A 211 2.18 -2.76 8.25
CA VAL A 211 2.38 -3.36 6.91
C VAL A 211 2.98 -2.30 5.96
N VAL A 212 3.95 -2.69 5.10
CA VAL A 212 4.49 -1.81 4.02
C VAL A 212 3.74 -2.11 2.74
N VAL A 213 3.02 -1.12 2.19
CA VAL A 213 2.28 -1.28 0.92
C VAL A 213 2.82 -0.40 -0.21
N HIS A 214 3.03 -0.97 -1.39
CA HIS A 214 3.51 -0.21 -2.58
C HIS A 214 2.94 -0.71 -3.89
N CYS A 215 2.96 0.19 -4.88
CA CYS A 215 2.73 -0.09 -6.30
C CYS A 215 3.86 0.64 -7.02
N SER A 216 3.64 1.36 -8.13
CA SER A 216 4.77 2.16 -8.66
C SER A 216 4.93 3.47 -7.88
N ALA A 217 3.89 4.32 -7.81
CA ALA A 217 3.96 5.62 -7.08
C ALA A 217 3.59 5.47 -5.58
N GLY A 218 2.92 4.40 -5.20
CA GLY A 218 2.45 4.23 -3.81
C GLY A 218 1.20 5.08 -3.46
N ILE A 219 0.33 5.36 -4.43
CA ILE A 219 -0.90 6.16 -4.17
C ILE A 219 -2.14 5.55 -4.79
N GLY A 220 -2.04 4.91 -5.99
CA GLY A 220 -3.21 4.41 -6.73
C GLY A 220 -3.74 3.06 -6.24
N ARG A 221 -3.18 1.97 -6.76
CA ARG A 221 -3.49 0.60 -6.27
C ARG A 221 -3.29 0.52 -4.74
N SER A 222 -2.21 1.08 -4.23
CA SER A 222 -1.86 1.11 -2.80
C SER A 222 -3.02 1.75 -2.01
N GLY A 223 -3.55 2.85 -2.55
CA GLY A 223 -4.71 3.55 -1.98
C GLY A 223 -5.96 2.69 -1.93
N THR A 224 -6.22 1.96 -3.00
CA THR A 224 -7.36 1.02 -3.09
C THR A 224 -7.24 -0.02 -1.97
N PHE A 225 -6.07 -0.60 -1.78
CA PHE A 225 -5.84 -1.67 -0.79
C PHE A 225 -6.26 -1.15 0.61
N CYS A 226 -5.68 -0.03 1.09
CA CYS A 226 -5.92 0.40 2.49
C CYS A 226 -7.33 0.99 2.65
N LEU A 227 -7.91 1.65 1.64
CA LEU A 227 -9.30 2.18 1.73
C LEU A 227 -10.30 1.02 1.89
N ALA A 228 -10.14 -0.06 1.11
CA ALA A 228 -11.07 -1.21 1.18
C ALA A 228 -10.92 -1.86 2.55
N ASP A 229 -9.72 -2.16 2.99
CA ASP A 229 -9.47 -2.79 4.30
C ASP A 229 -10.18 -1.98 5.41
N THR A 230 -9.85 -0.69 5.56
CA THR A 230 -10.36 0.21 6.63
C THR A 230 -11.89 0.25 6.54
N CYS A 231 -12.47 0.39 5.37
CA CYS A 231 -13.95 0.49 5.24
C CYS A 231 -14.65 -0.80 5.75
N LEU A 232 -14.13 -1.98 5.42
CA LEU A 232 -14.73 -3.28 5.85
C LEU A 232 -14.56 -3.46 7.37
N LEU A 233 -13.43 -3.01 7.93
CA LEU A 233 -13.19 -3.10 9.39
C LEU A 233 -14.21 -2.22 10.14
N LEU A 234 -14.47 -1.01 9.63
CA LEU A 234 -15.43 -0.05 10.22
C LEU A 234 -16.84 -0.64 10.18
N MET A 235 -17.19 -1.33 9.09
CA MET A 235 -18.52 -1.98 8.93
C MET A 235 -18.71 -3.12 9.94
N ASP A 236 -17.64 -3.74 10.42
CA ASP A 236 -17.73 -4.85 11.41
C ASP A 236 -17.81 -4.28 12.84
N LYS A 237 -17.43 -3.01 13.06
CA LYS A 237 -17.38 -2.38 14.41
C LYS A 237 -18.64 -1.56 14.68
N ARG A 238 -19.16 -0.83 13.68
CA ARG A 238 -20.24 0.19 13.87
C ARG A 238 -21.60 -0.53 14.00
N LYS A 239 -22.51 0.03 14.82
CA LYS A 239 -23.89 -0.50 14.98
C LYS A 239 -24.59 -0.52 13.62
N ASP A 240 -24.35 0.51 12.79
CA ASP A 240 -24.95 0.61 11.44
C ASP A 240 -23.83 0.69 10.41
N PRO A 241 -23.53 -0.41 9.67
CA PRO A 241 -22.47 -0.40 8.67
C PRO A 241 -22.76 0.57 7.50
N SER A 242 -24.04 0.84 7.25
CA SER A 242 -24.51 1.73 6.15
C SER A 242 -24.06 3.17 6.42
N SER A 243 -23.71 3.49 7.68
CA SER A 243 -23.17 4.81 8.09
C SER A 243 -21.79 5.04 7.45
N VAL A 244 -21.09 3.96 7.08
CA VAL A 244 -19.68 4.03 6.62
C VAL A 244 -19.64 4.79 5.30
N ASP A 245 -18.98 5.94 5.29
CA ASP A 245 -18.99 6.84 4.12
C ASP A 245 -17.60 6.76 3.46
N ILE A 246 -17.49 6.10 2.31
CA ILE A 246 -16.15 5.76 1.73
C ILE A 246 -15.42 7.06 1.32
N LYS A 247 -16.13 8.06 0.83
CA LYS A 247 -15.58 9.38 0.44
C LYS A 247 -14.97 10.07 1.67
N LYS A 248 -15.63 9.99 2.83
CA LYS A 248 -15.10 10.57 4.08
C LYS A 248 -13.88 9.79 4.56
N VAL A 249 -13.88 8.46 4.40
CA VAL A 249 -12.67 7.67 4.81
C VAL A 249 -11.51 8.07 3.92
N LEU A 250 -11.72 8.14 2.61
CA LEU A 250 -10.67 8.55 1.64
C LEU A 250 -10.12 9.94 2.01
N LEU A 251 -10.97 10.93 2.32
CA LEU A 251 -10.45 12.27 2.69
C LEU A 251 -9.59 12.24 3.96
N GLU A 252 -10.01 11.48 4.98
CA GLU A 252 -9.18 11.28 6.21
C GLU A 252 -7.81 10.71 5.80
N MET A 253 -7.81 9.65 4.98
CA MET A 253 -6.53 8.99 4.58
C MET A 253 -5.64 9.99 3.81
N ARG A 254 -6.27 10.84 3.00
CA ARG A 254 -5.53 11.88 2.22
C ARG A 254 -5.00 12.98 3.12
N LYS A 255 -5.31 13.00 4.41
CA LYS A 255 -4.58 13.92 5.33
C LYS A 255 -3.14 13.43 5.53
N PHE A 256 -2.87 12.13 5.24
CA PHE A 256 -1.57 11.49 5.58
C PHE A 256 -0.67 11.26 4.36
N ARG A 257 -1.23 11.06 3.17
CA ARG A 257 -0.48 10.97 1.92
C ARG A 257 -1.32 11.54 0.80
N MET A 258 -0.70 12.35 -0.08
CA MET A 258 -1.39 12.98 -1.24
C MET A 258 -1.78 11.93 -2.30
N GLY A 259 -2.89 12.17 -2.98
CA GLY A 259 -3.21 11.59 -4.29
C GLY A 259 -3.78 10.18 -4.23
N LEU A 260 -4.11 9.66 -3.04
CA LEU A 260 -4.59 8.29 -2.85
C LEU A 260 -5.86 8.13 -3.67
N ILE A 261 -5.86 7.10 -4.53
CA ILE A 261 -6.85 6.86 -5.60
C ILE A 261 -6.61 7.87 -6.73
N GLN A 262 -6.12 7.38 -7.85
CA GLN A 262 -5.52 8.23 -8.94
C GLN A 262 -6.53 8.53 -10.06
N THR A 263 -7.63 7.79 -10.17
CA THR A 263 -8.60 7.89 -11.30
C THR A 263 -10.00 7.60 -10.78
N ALA A 264 -11.01 8.03 -11.56
CA ALA A 264 -12.45 7.79 -11.29
C ALA A 264 -12.77 6.30 -11.41
N ASP A 265 -12.05 5.55 -12.25
CA ASP A 265 -12.20 4.07 -12.33
C ASP A 265 -11.68 3.38 -11.07
N GLN A 266 -10.57 3.85 -10.49
CA GLN A 266 -10.06 3.31 -9.19
C GLN A 266 -11.08 3.62 -8.08
N LEU A 267 -11.72 4.79 -8.10
CA LEU A 267 -12.74 5.15 -7.09
C LEU A 267 -13.91 4.17 -7.21
N ARG A 268 -14.42 3.96 -8.43
CA ARG A 268 -15.56 3.03 -8.68
C ARG A 268 -15.19 1.62 -8.22
N PHE A 269 -13.98 1.16 -8.57
CA PHE A 269 -13.49 -0.18 -8.18
C PHE A 269 -13.46 -0.31 -6.64
N SER A 270 -13.05 0.74 -5.92
CA SER A 270 -12.99 0.75 -4.42
C SER A 270 -14.40 0.56 -3.85
N TYR A 271 -15.39 1.29 -4.35
CA TYR A 271 -16.81 1.05 -3.98
C TYR A 271 -17.19 -0.41 -4.24
N LEU A 272 -16.95 -0.91 -5.45
CA LEU A 272 -17.33 -2.30 -5.82
C LEU A 272 -16.74 -3.29 -4.83
N ALA A 273 -15.45 -3.16 -4.50
CA ALA A 273 -14.75 -4.09 -3.61
C ALA A 273 -15.37 -4.05 -2.20
N VAL A 274 -15.69 -2.87 -1.68
CA VAL A 274 -16.25 -2.74 -0.31
C VAL A 274 -17.66 -3.37 -0.30
N ILE A 275 -18.47 -3.07 -1.31
CA ILE A 275 -19.87 -3.57 -1.42
C ILE A 275 -19.85 -5.11 -1.45
N GLU A 276 -19.01 -5.67 -2.31
CA GLU A 276 -18.90 -7.13 -2.45
C GLU A 276 -18.27 -7.74 -1.19
N GLY A 277 -17.22 -7.13 -0.65
CA GLY A 277 -16.60 -7.69 0.56
C GLY A 277 -17.55 -7.74 1.76
N ALA A 278 -18.43 -6.74 1.90
CA ALA A 278 -19.36 -6.62 3.07
C ALA A 278 -20.27 -7.85 3.11
N LYS A 279 -20.59 -8.38 1.92
CA LYS A 279 -21.40 -9.60 1.72
C LYS A 279 -20.59 -10.81 2.18
N PHE A 280 -19.36 -10.97 1.68
CA PHE A 280 -18.40 -12.01 2.11
C PHE A 280 -18.64 -12.33 3.59
N ILE A 281 -18.72 -11.28 4.43
CA ILE A 281 -19.11 -11.35 5.87
C ILE A 281 -20.32 -10.44 6.10
N MET A 282 -21.52 -10.91 5.74
CA MET A 282 -22.82 -10.27 6.04
C MET A 282 -23.85 -11.39 6.19
N GLY A 283 -23.79 -12.12 7.30
CA GLY A 283 -24.43 -13.43 7.45
C GLY A 283 -24.18 -14.26 6.21
N ASP A 284 -22.91 -14.33 5.78
CA ASP A 284 -22.46 -15.11 4.59
C ASP A 284 -21.07 -15.69 4.88
C TRS B . 1.59 13.93 13.77
C1 TRS B . 0.94 14.00 12.39
C2 TRS B . 0.58 13.95 14.92
C3 TRS B . 2.55 15.09 13.96
N TRS B . 2.41 12.65 13.87
O1 TRS B . 0.91 12.73 11.73
O2 TRS B . -0.75 14.14 14.47
O3 TRS B . 3.62 15.13 13.00
H11 TRS B . 1.44 14.64 11.83
H12 TRS B . 0.03 14.34 12.47
H21 TRS B . 0.80 14.66 15.55
H22 TRS B . 0.64 13.09 15.40
H31 TRS B . 2.94 15.03 14.87
H32 TRS B . 2.04 15.92 13.92
HN1 TRS B . 3.20 12.80 14.32
HN2 TRS B . 2.63 12.36 13.03
HN3 TRS B . 1.96 12.00 14.30
HO1 TRS B . 0.56 12.63 10.82
HO2 TRS B . -1.46 13.34 14.65
HO3 TRS B . 3.69 14.37 12.63
C10 A1ABO C . -12.54 7.04 11.74
C02 A1ABO C . -14.76 8.53 9.28
C05 A1ABO C . -14.10 7.25 9.92
C07 A1ABO C . -12.08 6.64 8.77
C08 A1ABO C . -11.07 6.27 9.84
C11 A1ABO C . -13.77 7.31 11.34
F01 A1ABO C . -13.92 9.34 8.58
F03 A1ABO C . -15.69 8.12 8.36
F04 A1ABO C . -15.44 9.28 10.12
N06 A1ABO C . -13.53 6.58 9.03
N09 A1ABO C . -11.63 6.14 11.16
H1 A1ABO C . -12.00 7.73 12.42
H072 A1ABO C . -11.90 5.96 7.92
H071 A1ABO C . -11.90 7.67 8.39
H082 A1ABO C . -10.55 5.32 9.61
H081 A1ABO C . -10.25 7.02 9.87
H111 A1ABO C . -14.58 7.39 12.06
H091 A1ABO C . -11.36 5.37 11.72
#